data_1DDY
#
_entry.id   1DDY
#
_cell.length_a   91.330
_cell.length_b   161.880
_cell.length_c   100.960
_cell.angle_alpha   90.00
_cell.angle_beta   90.00
_cell.angle_gamma   90.00
#
_symmetry.space_group_name_H-M   'C 2 2 21'
#
loop_
_entity.id
_entity.type
_entity.pdbx_description
1 polymer 'VITAMIN B12 BINDING RNA'
2 non-polymer COBALAMIN
3 non-polymer METHYLAMINE
#
_entity_poly.entity_id   1
_entity_poly.type   'polyribonucleotide'
_entity_poly.pdbx_seq_one_letter_code
;GGAACCGGUGCGCAUAACCACCUCAGUGCGAGCAA
;
_entity_poly.pdbx_strand_id   A,C,E,G
#
loop_
_chem_comp.id
_chem_comp.type
_chem_comp.name
_chem_comp.formula
A RNA linking ADENOSINE-5'-MONOPHOSPHATE 'C10 H14 N5 O7 P'
B12 non-polymer COBALAMIN 'C62 H89 Co N13 O14 P 2'
C RNA linking CYTIDINE-5'-MONOPHOSPHATE 'C9 H14 N3 O8 P'
G RNA linking GUANOSINE-5'-MONOPHOSPHATE 'C10 H14 N5 O8 P'
NME non-polymer METHYLAMINE 'C H5 N'
U RNA linking URIDINE-5'-MONOPHOSPHATE 'C9 H13 N2 O9 P'
#
# COMPACT_ATOMS: atom_id res chain seq x y z
CO B12 E . 20.68 -21.99 0.61
N21 B12 E . 21.71 -23.53 0.13
N22 B12 E . 21.35 -22.07 2.43
N23 B12 E . 19.55 -20.41 0.89
N24 B12 E . 20.20 -22.00 -1.21
C1 B12 E . 21.50 -24.10 -1.22
C20 B12 E . 20.30 -25.05 -1.18
C2 B12 E . 22.94 -24.89 -1.52
C25 B12 E . 22.77 -26.09 -2.50
C26 B12 E . 24.03 -23.92 -2.06
C27 B12 E . 25.47 -24.45 -2.14
O28 B12 E . 26.23 -24.49 -1.17
N29 B12 E . 25.86 -24.87 -3.35
C3 B12 E . 23.30 -25.28 -0.07
C30 B12 E . 22.94 -26.71 0.44
C31 B12 E . 24.19 -27.64 0.43
C32 B12 E . 23.96 -29.04 0.87
O34 B12 E . 24.29 -29.41 2.03
N33 B12 E . 23.43 -29.89 0.02
C4 B12 E . 22.71 -24.13 0.74
C5 B12 E . 23.12 -23.80 2.09
C35 B12 E . 24.42 -24.48 2.57
C6 B12 E . 22.45 -22.87 2.87
C7 B12 E . 22.77 -22.38 4.35
C36 B12 E . 23.18 -23.51 5.35
C37 B12 E . 23.86 -21.27 4.25
C38 B12 E . 24.25 -20.75 5.62
O39 B12 E . 23.56 -19.91 6.18
N40 B12 E . 25.36 -21.28 6.15
C8 B12 E . 21.40 -21.74 4.76
C41 B12 E . 20.44 -22.74 5.49
C42 B12 E . 19.00 -22.31 5.75
C43 B12 E . 18.22 -23.36 6.44
O44 B12 E . 18.62 -24.00 7.45
N45 B12 E . 17.01 -23.63 5.92
C9 B12 E . 20.87 -21.33 3.40
C10 B12 E . 19.99 -20.27 3.27
C11 B12 E . 19.46 -19.81 2.10
C12 B12 E . 18.72 -18.45 1.97
C46 B12 E . 19.77 -17.37 1.72
C47 B12 E . 18.01 -18.02 3.31
C13 B12 E . 17.89 -18.68 0.74
C48 B12 E . 16.49 -19.33 0.94
C49 B12 E . 15.25 -18.41 1.31
C50 B12 E . 14.54 -17.83 0.11
O51 B12 E . 14.01 -16.71 0.18
N52 B12 E . 14.47 -18.56 -1.04
C14 B12 E . 18.78 -19.73 0.00
C15 B12 E . 18.71 -20.06 -1.36
C53 B12 E . 17.78 -19.16 -2.22
C16 B12 E . 19.46 -21.19 -1.97
C17 B12 E . 19.58 -21.59 -3.46
C54 B12 E . 20.53 -20.56 -4.13
C55 B12 E . 18.28 -21.70 -4.25
C56 B12 E . 17.18 -22.50 -3.63
C57 B12 E . 15.85 -22.22 -4.26
O58 B12 E . 15.13 -21.28 -3.80
N59 B12 E . 15.52 -23.01 -5.28
C18 B12 E . 20.22 -23.05 -3.36
C60 B12 E . 21.09 -23.49 -4.59
C61 B12 E . 20.35 -24.32 -5.68
O63 B12 E . 19.20 -23.82 -6.10
N62 B12 E . 20.85 -25.35 -6.09
C19 B12 E . 21.03 -22.90 -2.08
C1P B12 E . 14.27 -22.90 -6.01
C2P B12 E . 13.08 -23.17 -5.12
C3P B12 E . 11.77 -23.02 -5.90
O3 B12 E . 13.19 -24.59 -4.62
O4 B12 E . 11.62 -24.30 -2.60
O5 B12 E . 13.11 -26.34 -2.93
P B12 E . 12.93 -24.87 -3.08
O2 B12 E . 14.08 -24.06 -2.41
C3R B12 E . 14.05 -23.87 -0.98
C2R B12 E . 15.13 -24.59 -0.27
O7R B12 E . 16.27 -24.72 -1.12
C1R B12 E . 15.40 -23.61 0.93
O6R B12 E . 14.99 -22.30 0.51
C4R B12 E . 14.17 -22.42 -0.67
C5R B12 E . 12.81 -21.70 -0.42
O8R B12 E . 12.38 -21.78 0.98
N1B B12 E . 16.82 -23.59 1.29
C8B B12 E . 17.42 -24.45 2.22
C2B B12 E . 17.78 -22.84 0.75
N3B B12 E . 19.03 -23.11 1.20
C9B B12 E . 18.79 -24.16 2.14
C4B B12 E . 19.69 -24.93 2.96
C5B B12 E . 19.14 -25.91 3.82
C5M B12 E . 20.12 -26.72 4.68
C6B B12 E . 17.74 -26.17 3.89
C6M B12 E . 17.16 -27.21 4.83
C7B B12 E . 16.86 -25.42 3.07
N NME F . 23.03 -20.27 -0.09
C NME F . 22.11 -20.90 0.17
CO B12 G . -15.57 6.61 5.97
N21 B12 G . -15.83 5.87 4.25
N22 B12 G . -13.71 6.92 5.60
N23 B12 G . -15.53 7.36 7.79
N24 B12 G . -17.43 6.34 6.16
C1 B12 G . -17.16 5.26 3.97
C20 B12 G . -17.18 3.81 4.46
C2 B12 G . -17.24 5.37 2.33
C25 B12 G . -18.16 4.28 1.69
C26 B12 G . -17.72 6.80 1.93
C27 B12 G . -17.62 7.23 0.48
O28 B12 G . -16.59 7.14 -0.21
N29 B12 G . -18.75 7.75 -0.01
C3 B12 G . -15.74 5.23 1.99
C30 B12 G . -15.13 3.86 1.65
C31 B12 G . -14.81 3.81 0.15
C32 B12 G . -14.18 2.55 -0.30
O34 B12 G . -13.14 2.61 -1.00
N33 B12 G . -14.71 1.41 0.06
C4 B12 G . -15.09 5.90 3.18
C5 B12 G . -13.73 6.41 3.17
C35 B12 G . -13.07 6.55 1.77
C6 B12 G . -13.11 6.85 4.31
C7 B12 G . -11.67 7.46 4.50
C36 B12 G . -10.54 6.77 3.70
C37 B12 G . -11.90 8.97 4.13
C38 B12 G . -10.67 9.83 4.23
O39 B12 G . -10.54 10.56 5.19
N40 B12 G . -9.80 9.75 3.23
C8 B12 G . -11.43 7.26 6.04
C41 B12 G . -10.80 5.89 6.44
C42 B12 G . -10.74 5.57 7.96
C43 B12 G . -10.18 4.24 8.30
O44 B12 G . -9.10 3.78 7.85
N45 B12 G . -10.89 3.51 9.17
C9 B12 G . -12.84 7.33 6.52
C10 B12 G . -13.14 7.78 7.80
C11 B12 G . -14.40 7.86 8.33
C12 B12 G . -14.73 8.66 9.62
C46 B12 G . -15.13 10.07 9.20
C47 B12 G . -13.51 8.86 10.58
C13 B12 G . -15.96 7.92 10.06
C48 B12 G . -15.75 6.56 10.82
C49 B12 G . -15.02 6.50 12.21
C50 B12 G . -15.96 6.34 13.37
O51 B12 G . -16.76 7.24 13.63
N52 B12 G . -15.90 5.19 14.07
C14 B12 G . -16.54 7.52 8.68
C15 B12 G . -17.87 7.19 8.42
C53 B12 G . -18.88 7.44 9.58
C16 B12 G . -18.32 6.62 7.12
C17 B12 G . -19.76 6.35 6.62
C54 B12 G . -20.40 7.73 6.35
C55 B12 G . -20.69 5.54 7.52
C56 B12 G . -20.18 4.25 8.08
C57 B12 G . -20.89 3.91 9.36
O58 B12 G . -20.62 4.54 10.42
N59 B12 G . -21.77 2.91 9.28
C18 B12 G . -19.47 5.52 5.31
C60 B12 G . -20.53 5.64 4.19
C61 B12 G . -21.51 4.50 4.23
O63 B12 G . -22.74 4.81 3.87
N62 B12 G . -21.13 3.39 4.57
C19 B12 G . -18.12 6.04 4.89
C1P B12 G . -22.52 2.47 10.44
C2P B12 G . -21.76 1.41 11.20
C3P B12 G . -22.61 0.70 12.25
O3 B12 G . -21.29 0.42 10.21
O4 B12 G . -19.41 -0.47 11.67
O5 B12 G . -19.63 -0.97 9.18
P B12 G . -19.80 0.01 10.29
O2 B12 G . -19.14 1.39 10.01
C3R B12 G . -17.72 1.59 10.24
C2R B12 G . -16.86 1.49 9.02
O7R B12 G . -17.55 1.96 7.84
C1R B12 G . -15.73 2.49 9.41
O6R B12 G . -16.30 3.43 10.32
C4R B12 G . -17.52 2.94 10.84
C5R B12 G . -17.43 2.92 12.39
O8R B12 G . -16.06 2.65 12.89
N1B B12 G . -15.25 3.21 8.26
C8B B12 G . -14.28 2.76 7.34
C2B B12 G . -15.68 4.38 7.84
N3B B12 G . -15.14 4.80 6.72
C9B B12 G . -14.24 3.75 6.38
C4B B12 G . -13.35 3.58 5.27
C5B B12 G . -12.56 2.42 5.19
C5M B12 G . -11.63 2.26 3.97
C6B B12 G . -12.62 1.40 6.20
C6M B12 G . -11.77 0.15 6.11
C7B B12 G . -13.51 1.57 7.30
N NME H . -16.04 9.34 4.82
C NME H . -15.89 8.30 5.29
CO B12 I . -5.05 4.86 -7.31
N21 B12 I . -6.22 6.25 -6.79
N22 B12 I . -5.53 3.83 -5.74
N23 B12 I . -3.79 3.54 -8.06
N24 B12 I . -4.75 5.93 -8.82
C1 B12 I . -6.17 7.51 -7.58
C20 B12 I . -5.06 8.41 -7.04
C2 B12 I . -7.68 8.12 -7.36
C25 B12 I . -7.72 9.66 -7.52
C26 B12 I . -8.67 7.44 -8.32
C27 B12 I . -10.15 7.66 -8.09
O28 B12 I . -10.72 7.45 -7.02
N29 B12 I . -10.81 8.08 -9.15
C3 B12 I . -7.93 7.62 -5.92
C30 B12 I . -7.58 8.53 -4.73
C31 B12 I . -8.85 9.23 -4.18
C32 B12 I . -8.57 10.12 -3.04
O34 B12 I . -8.65 9.67 -1.87
N33 B12 I . -8.25 11.38 -3.29
C4 B12 I . -7.20 6.28 -5.93
C5 B12 I . -7.47 5.21 -4.98
C35 B12 I . -8.77 5.36 -4.17
C6 B12 I . -6.65 4.09 -4.89
C7 B12 I . -6.78 2.80 -3.96
C36 B12 I . -7.18 3.10 -2.47
C37 B12 I . -7.76 1.83 -4.67
C38 B12 I . -8.00 0.51 -3.93
O39 B12 I . -7.45 -0.50 -4.32
N40 B12 I . -8.84 0.53 -2.90
C8 B12 I . -5.33 2.24 -4.02
C41 B12 I . -4.42 2.80 -2.88
C42 B12 I . -2.92 2.53 -2.89
C43 B12 I . -2.24 3.14 -1.74
O44 B12 I . -2.81 3.40 -0.63
N45 B12 I . -0.94 3.42 -1.88
C9 B12 I . -4.91 2.72 -5.39
C10 B12 I . -3.97 2.02 -6.16
C11 B12 I . -3.54 2.37 -7.43
C12 B12 I . -2.77 1.42 -8.37
C46 B12 I . -3.78 0.63 -9.19
C47 B12 I . -1.95 0.32 -7.60
C13 B12 I . -2.06 2.40 -9.28
C48 B12 I . -0.67 2.90 -8.83
C49 B12 I . 0.56 1.92 -9.02
C50 B12 I . 1.67 2.48 -9.87
O51 B12 I . 1.47 2.75 -11.07
N52 B12 I . 2.88 2.66 -9.29
C14 B12 I . -3.08 3.57 -9.23
C15 B12 I . -3.16 4.61 -10.14
C53 B12 I . -2.28 4.49 -11.41
C16 B12 I . -4.03 5.78 -9.94
C17 B12 I . -4.32 6.93 -10.92
C54 B12 I . -5.24 6.35 -12.02
C55 B12 I . -3.14 7.63 -11.61
C56 B12 I . -1.99 8.09 -10.76
C57 B12 I . -0.79 8.44 -11.60
O58 B12 I . -0.11 7.52 -12.15
N59 B12 I . -0.52 9.75 -11.69
C18 B12 I . -5.04 7.97 -9.98
C60 B12 I . -6.03 8.92 -10.65
C61 B12 I . -5.38 10.25 -10.98
O63 B12 I . -5.96 10.96 -11.92
N62 B12 I . -4.36 10.57 -10.38
C19 B12 I . -5.70 7.05 -8.98
C1P B12 I . 0.58 10.31 -12.46
C2P B12 I . 1.94 10.03 -11.84
C3P B12 I . 3.05 10.57 -12.75
O3 B12 I . 2.02 10.77 -10.56
O4 B12 I . 3.68 9.23 -9.31
O5 B12 I . 2.38 11.10 -8.18
P B12 I . 2.39 10.02 -9.20
O2 B12 I . 1.17 9.03 -9.02
C3R B12 I . 1.26 8.03 -7.98
C2R B12 I . 0.22 8.14 -6.91
O7R B12 I . -1.02 8.66 -7.41
C1R B12 I . 0.07 6.65 -6.48
O6R B12 I . 0.44 5.86 -7.62
C4R B12 I . 1.17 6.67 -8.58
C5R B12 I . 2.54 6.02 -8.87
O8R B12 I . 3.43 6.02 -7.71
N1B B12 I . -1.32 6.30 -6.11
C8B B12 I . -1.91 6.45 -4.82
C2B B12 I . -2.29 5.83 -6.89
N3B B12 I . -3.49 5.67 -6.31
C9B B12 I . -3.24 6.07 -4.99
C4B B12 I . -4.12 6.15 -3.85
C5B B12 I . -3.61 6.59 -2.61
C5M B12 I . -4.58 6.64 -1.42
C6B B12 I . -2.26 6.98 -2.46
C6M B12 I . -1.70 7.46 -1.15
C7B B12 I . -1.38 6.91 -3.59
N NME J . -7.34 3.58 -8.76
C NME J . -6.45 4.05 -8.23
CO B12 K . 0.08 12.89 1.84
N21 B12 K . -0.68 11.35 2.62
N22 B12 K . -1.63 13.78 1.87
N23 B12 K . 1.08 14.37 1.04
N24 B12 K . 1.70 11.92 1.96
C1 B12 K . 0.17 10.14 2.73
C20 B12 K . 0.10 9.37 1.41
C2 B12 K . -0.53 9.32 3.97
C25 B12 K . -0.27 7.79 3.89
C26 B12 K . -0.10 9.87 5.37
C27 B12 K . -0.86 9.37 6.60
O28 B12 K . -2.09 9.21 6.67
N29 B12 K . -0.11 9.09 7.65
C3 B12 K . -1.99 9.72 3.71
C30 B12 K . -2.86 8.84 2.78
C31 B12 K . -3.80 7.95 3.61
C32 B12 K . -4.63 7.05 2.79
O34 B12 K . -5.81 7.35 2.53
N33 B12 K . -4.10 5.92 2.38
C4 B12 K . -1.84 11.15 3.19
C5 B12 K . -2.90 12.12 3.22
C35 B12 K . -4.12 11.75 4.10
C6 B12 K . -2.79 13.34 2.56
C7 B12 K . -3.81 14.52 2.47
C36 B12 K . -5.29 14.08 2.23
C37 B12 K . -3.60 15.35 3.77
C38 B12 K . -4.50 16.57 3.87
O39 B12 K . -4.03 17.67 3.59
N40 B12 K . -5.75 16.38 4.26
C8 B12 K . -3.30 15.31 1.23
C41 B12 K . -3.94 14.86 -0.10
C42 B12 K . -3.36 15.41 -1.41
C43 B12 K . -4.01 14.88 -2.62
O44 B12 K . -5.05 14.17 -2.60
N45 B12 K . -3.46 15.18 -3.78
C9 B12 K . -1.83 14.95 1.27
C10 B12 K . -0.85 15.79 0.72
C11 B12 K . 0.49 15.54 0.70
C12 B12 K . 1.54 16.61 0.38
C46 B12 K . 1.93 17.29 1.69
C47 B12 K . 1.01 17.77 -0.52
C13 B12 K . 2.68 15.75 -0.10
C48 B12 K . 2.69 15.32 -1.60
C49 B12 K . 3.07 16.38 -2.73
C50 B12 K . 4.55 16.55 -3.00
O51 B12 K . 4.94 17.60 -3.56
N52 B12 K . 5.41 15.56 -2.66
C14 B12 K . 2.41 14.47 0.75
C15 B12 K . 3.36 13.46 1.02
C53 B12 K . 4.83 13.77 0.62
C16 B12 K . 2.99 12.19 1.65
C17 B12 K . 3.93 11.05 2.15
C54 B12 K . 4.60 11.53 3.45
C55 B12 K . 5.01 10.54 1.18
C56 B12 K . 4.57 10.22 -0.25
C57 B12 K . 5.71 10.20 -1.23
O58 B12 K . 6.25 11.29 -1.59
N59 B12 K . 6.07 8.97 -1.66
C18 B12 K . 2.87 9.88 2.38
C60 B12 K . 3.29 8.77 3.40
C61 B12 K . 3.92 7.50 2.75
O63 B12 K . 4.47 6.63 3.60
N62 B12 K . 3.89 7.36 1.54
C19 B12 K . 1.64 10.69 2.80
C1P B12 K . 7.14 8.73 -2.60
C2P B12 K . 6.71 8.74 -4.04
C3P B12 K . 7.82 8.21 -4.95
O3 B12 K . 5.57 7.81 -4.21
O4 B12 K . 4.59 9.07 -6.21
O5 B12 K . 3.33 7.22 -4.97
P B12 K . 4.27 8.38 -4.91
O2 B12 K . 3.82 9.47 -3.87
C3R B12 K . 2.77 10.42 -4.21
C2R B12 K . 1.47 10.17 -3.50
O7R B12 K . 1.69 9.60 -2.22
C1R B12 K . 0.93 11.61 -3.39
O6R B12 K . 2.04 12.49 -3.38
C4R B12 K . 3.20 11.82 -3.89
C5R B12 K . 3.74 12.60 -5.11
O8R B12 K . 2.91 13.77 -5.45
N1B B12 K . 0.14 11.82 -2.19
C8B B12 K . -1.24 11.57 -2.07
C2B B12 K . 0.57 12.20 -1.00
N3B B12 K . -0.35 12.21 -0.04
C9B B12 K . -1.53 11.79 -0.73
C4B B12 K . -2.89 11.56 -0.32
C5B B12 K . -3.85 11.15 -1.27
C5M B12 K . -5.30 10.91 -0.79
C6B B12 K . -3.51 10.94 -2.62
C6M B12 K . -4.53 10.49 -3.64
C7B B12 K . -2.17 11.15 -3.05
N NME L . 0.59 14.06 4.56
C NME L . 0.42 13.60 3.52
#